data_8BSZ
#
_entry.id   8BSZ
#
_cell.length_a   59.672
_cell.length_b   71.414
_cell.length_c   78.078
_cell.angle_alpha   90.00
_cell.angle_beta   90.00
_cell.angle_gamma   90.00
#
_symmetry.space_group_name_H-M   'P 21 21 21'
#
loop_
_entity.id
_entity.type
_entity.pdbx_description
1 polymer 'Palmitoleoyl-protein carboxylesterase NOTUM'
2 non-polymer 2-acetamido-2-deoxy-beta-D-glucopyranose
3 non-polymer 'SULFATE ION'
4 non-polymer 'DIMETHYL SULFOXIDE'
5 non-polymer 1,2-ETHANEDIOL
6 non-polymer (3~{a}~{R})-2,3,3~{a},4-tetrahydropyrrolo[1,2-a]indol-1-one
7 water water
#
_entity_poly.entity_id   1
_entity_poly.type   'polypeptide(L)'
_entity_poly.pdbx_seq_one_letter_code
;ETGSAQQLNEDLRLHLLLNTSVTCNDGSPAGYYLKESRGSRRWLLFLEGGWYCFNRENCDSRYDTMRRLMSSRDWPRTRT
GTGILSSQPEENPYWWNANMVFIPYCSSDVWSGASSKSEKNEYAFMGALIIQEVVRELLGRGLSGAKVLLLAGSSAGGTG
VLLNVDRVAEQLEKLGYPAIQVRGLADSGWFLDNKQYRHTDCVDTITCAPTEAIRRGIRYWNGVVPERCRRQFQEGEEWN
CFFGYKVYPTLRSPVFVVQWLFDEAQLTVDNVHLTGQPVQEGLRLYIQNLGRELRHTLKDVPASFAPACLSHEIIIRSHW
TDVQVKGTSLPRALHCWDRSLHDSHKASKTPLKGCPVHLVDSCPWPHCNPSCPTGTKHHHHHH
;
_entity_poly.pdbx_strand_id   A
#
loop_
_chem_comp.id
_chem_comp.type
_chem_comp.name
_chem_comp.formula
DMS non-polymer 'DIMETHYL SULFOXIDE' 'C2 H6 O S'
EDO non-polymer 1,2-ETHANEDIOL 'C2 H6 O2'
NAG D-saccharide, beta linking 2-acetamido-2-deoxy-beta-D-glucopyranose 'C8 H15 N O6'
RGU non-polymer (3~{a}~{R})-2,3,3~{a},4-tetrahydropyrrolo[1,2-a]indol-1-one 'C11 H11 N O'
SO4 non-polymer 'SULFATE ION' 'O4 S -2'
#
# COMPACT_ATOMS: atom_id res chain seq x y z
N ASP A 11 3.14 9.96 18.98
CA ASP A 11 2.88 11.16 18.20
C ASP A 11 4.00 11.45 17.21
N LEU A 12 3.63 11.55 15.95
CA LEU A 12 4.53 11.91 14.86
C LEU A 12 4.27 13.37 14.50
N ARG A 13 5.33 14.12 14.27
CA ARG A 13 5.21 15.56 14.04
C ARG A 13 5.28 15.87 12.56
N LEU A 14 4.43 16.80 12.12
CA LEU A 14 4.36 17.17 10.71
C LEU A 14 5.57 17.99 10.27
N HIS A 15 6.08 17.65 9.08
CA HIS A 15 7.06 18.45 8.36
C HIS A 15 6.55 18.64 6.95
N LEU A 16 6.30 19.88 6.54
CA LEU A 16 5.97 20.15 5.15
C LEU A 16 7.25 20.18 4.33
N LEU A 17 7.17 19.66 3.10
CA LEU A 17 8.37 19.53 2.28
C LEU A 17 9.00 20.90 2.04
N LEU A 18 10.33 20.97 2.24
CA LEU A 18 11.06 22.20 1.96
C LEU A 18 11.04 22.53 0.48
N ASN A 19 11.04 21.51 -0.37
CA ASN A 19 10.89 21.70 -1.81
C ASN A 19 9.39 21.87 -2.07
N THR A 20 8.96 23.13 -2.15
CA THR A 20 7.54 23.43 -2.29
C THR A 20 7.02 23.22 -3.71
N SER A 21 7.88 22.84 -4.66
CA SER A 21 7.43 22.38 -5.97
C SER A 21 6.79 21.00 -5.93
N VAL A 22 6.97 20.26 -4.85
CA VAL A 22 6.41 18.93 -4.68
C VAL A 22 5.14 19.08 -3.85
N THR A 23 3.98 18.93 -4.49
CA THR A 23 2.75 19.39 -3.89
C THR A 23 1.69 18.30 -3.85
N CYS A 24 0.73 18.51 -2.97
CA CYS A 24 -0.55 17.81 -3.02
C CYS A 24 -1.33 18.24 -4.27
N ASN A 25 -2.51 17.65 -4.44
CA ASN A 25 -3.32 17.89 -5.63
C ASN A 25 -3.53 19.38 -5.90
N ASP A 26 -3.81 20.15 -4.85
CA ASP A 26 -4.21 21.53 -5.05
C ASP A 26 -3.04 22.50 -5.01
N GLY A 27 -1.80 22.01 -5.06
CA GLY A 27 -0.64 22.87 -5.05
C GLY A 27 -0.11 23.22 -3.68
N SER A 28 -0.83 22.88 -2.61
CA SER A 28 -0.25 23.02 -1.27
C SER A 28 0.91 22.02 -1.13
N PRO A 29 1.91 22.33 -0.31
CA PRO A 29 3.06 21.44 -0.19
C PRO A 29 2.66 20.11 0.42
N ALA A 30 3.23 19.04 -0.12
CA ALA A 30 3.11 17.73 0.50
C ALA A 30 3.99 17.70 1.75
N GLY A 31 4.01 16.56 2.43
CA GLY A 31 4.80 16.49 3.64
C GLY A 31 4.83 15.09 4.21
N TYR A 32 5.27 15.00 5.46
CA TYR A 32 5.40 13.73 6.16
C TYR A 32 5.36 13.99 7.65
N TYR A 33 4.91 13.00 8.41
CA TYR A 33 4.93 13.01 9.87
C TYR A 33 6.06 12.12 10.35
N LEU A 34 6.88 12.63 11.26
CA LEU A 34 8.09 11.94 11.68
C LEU A 34 8.16 11.79 13.19
N LYS A 35 8.55 10.60 13.64
CA LYS A 35 8.94 10.38 15.04
C LYS A 35 10.28 9.67 15.02
N GLU A 36 11.34 10.39 15.40
CA GLU A 36 12.68 9.80 15.33
C GLU A 36 12.89 8.84 16.50
N SER A 37 13.81 7.92 16.31
CA SER A 37 14.28 7.02 17.35
C SER A 37 15.80 6.97 17.23
N ARG A 38 16.49 7.81 17.99
CA ARG A 38 17.93 7.85 17.86
C ARG A 38 18.54 6.53 18.29
N GLY A 39 19.67 6.19 17.68
CA GLY A 39 20.23 4.88 17.90
C GLY A 39 19.35 3.75 17.42
N SER A 40 18.37 4.04 16.57
CA SER A 40 17.80 3.02 15.70
C SER A 40 18.27 3.31 14.28
N ARG A 41 18.70 2.25 13.59
CA ARG A 41 19.01 2.37 12.17
C ARG A 41 17.89 1.77 11.30
N ARG A 42 16.71 1.56 11.88
CA ARG A 42 15.55 1.11 11.12
C ARG A 42 14.63 2.28 10.84
N TRP A 43 14.16 2.38 9.60
CA TRP A 43 13.27 3.45 9.17
C TRP A 43 12.05 2.84 8.52
N LEU A 44 10.87 3.25 8.99
CA LEU A 44 9.58 2.79 8.46
C LEU A 44 8.91 3.98 7.81
N LEU A 45 8.73 3.93 6.50
CA LEU A 45 8.04 4.97 5.74
C LEU A 45 6.72 4.37 5.26
N PHE A 46 5.61 4.86 5.82
CA PHE A 46 4.29 4.30 5.54
C PHE A 46 3.51 5.20 4.59
N LEU A 47 2.97 4.58 3.53
CA LEU A 47 2.13 5.29 2.56
C LEU A 47 0.66 5.11 2.90
N GLU A 48 -0.01 6.22 3.21
CA GLU A 48 -1.46 6.21 3.38
C GLU A 48 -2.17 5.82 2.08
N GLY A 49 -3.34 5.19 2.23
CA GLY A 49 -4.22 4.88 1.13
C GLY A 49 -5.45 5.78 1.11
N GLY A 50 -6.43 5.39 0.27
CA GLY A 50 -7.67 6.14 0.13
C GLY A 50 -8.17 6.35 -1.30
N TRP A 51 -8.24 5.27 -2.07
CA TRP A 51 -8.79 5.28 -3.44
C TRP A 51 -7.95 6.23 -4.32
N TYR A 52 -8.58 6.99 -5.22
CA TYR A 52 -7.92 7.81 -6.23
C TYR A 52 -9.02 8.57 -6.95
N CYS A 53 -8.63 9.54 -7.76
CA CYS A 53 -9.55 10.16 -8.70
C CYS A 53 -8.85 10.23 -10.05
N PHE A 54 -9.64 10.22 -11.14
CA PHE A 54 -9.03 10.03 -12.44
C PHE A 54 -9.59 10.95 -13.53
N ASN A 55 -10.41 11.93 -13.18
CA ASN A 55 -10.77 12.97 -14.14
C ASN A 55 -11.20 14.20 -13.37
N ARG A 56 -11.47 15.27 -14.11
CA ARG A 56 -11.78 16.56 -13.48
C ARG A 56 -12.99 16.45 -12.57
N GLU A 57 -14.07 15.82 -13.06
CA GLU A 57 -15.30 15.78 -12.29
C GLU A 57 -15.13 14.99 -11.00
N ASN A 58 -14.58 13.79 -11.06
CA ASN A 58 -14.52 13.04 -9.82
C ASN A 58 -13.40 13.55 -8.90
N CYS A 59 -12.36 14.18 -9.46
CA CYS A 59 -11.40 14.87 -8.59
C CYS A 59 -12.03 16.09 -7.91
N ASP A 60 -12.87 16.85 -8.64
CA ASP A 60 -13.57 17.98 -8.01
C ASP A 60 -14.43 17.49 -6.85
N SER A 61 -15.16 16.38 -7.06
CA SER A 61 -16.01 15.85 -6.01
C SER A 61 -15.19 15.43 -4.80
N ARG A 62 -14.07 14.75 -5.04
CA ARG A 62 -13.17 14.38 -3.94
C ARG A 62 -12.65 15.62 -3.22
N TYR A 63 -12.41 16.71 -3.95
CA TYR A 63 -11.90 17.92 -3.31
C TYR A 63 -12.92 18.52 -2.35
N ASP A 64 -14.21 18.31 -2.63
CA ASP A 64 -15.27 18.85 -1.79
C ASP A 64 -15.37 18.13 -0.46
N THR A 65 -15.30 16.81 -0.47
CA THR A 65 -15.64 16.03 0.71
C THR A 65 -14.55 15.09 1.19
N MET A 66 -13.39 15.06 0.52
CA MET A 66 -12.22 14.30 0.96
C MET A 66 -10.97 15.15 0.80
N ARG A 67 -11.04 16.40 1.26
CA ARG A 67 -10.02 17.38 0.88
C ARG A 67 -8.67 17.09 1.52
N ARG A 68 -8.65 16.48 2.72
CA ARG A 68 -7.36 16.12 3.32
C ARG A 68 -6.59 15.12 2.45
N LEU A 69 -7.27 14.41 1.56
CA LEU A 69 -6.60 13.54 0.59
C LEU A 69 -6.21 14.28 -0.68
N MET A 70 -6.32 15.61 -0.70
CA MET A 70 -5.97 16.39 -1.88
C MET A 70 -5.20 17.65 -1.53
N SER A 71 -4.85 17.86 -0.27
CA SER A 71 -4.42 19.17 0.21
C SER A 71 -3.87 19.03 1.61
N SER A 72 -2.82 19.79 1.91
CA SER A 72 -2.26 19.85 3.25
C SER A 72 -2.77 21.05 4.04
N ARG A 73 -3.66 21.86 3.48
CA ARG A 73 -4.07 23.10 4.12
C ARG A 73 -4.63 22.86 5.51
N ASP A 74 -5.31 21.73 5.73
CA ASP A 74 -5.99 21.46 6.99
C ASP A 74 -5.33 20.33 7.79
N TRP A 75 -4.09 19.96 7.45
CA TRP A 75 -3.44 18.87 8.16
C TRP A 75 -3.15 19.27 9.61
N PRO A 76 -3.34 18.36 10.56
CA PRO A 76 -2.93 18.64 11.93
C PRO A 76 -1.42 18.57 12.07
N ARG A 77 -0.91 19.28 13.08
CA ARG A 77 0.52 19.32 13.27
C ARG A 77 1.09 18.03 13.84
N THR A 78 0.26 17.15 14.40
CA THR A 78 0.74 15.85 14.85
C THR A 78 -0.26 14.76 14.44
N ARG A 79 0.22 13.52 14.47
CA ARG A 79 -0.63 12.35 14.34
C ARG A 79 -0.11 11.28 15.30
N THR A 80 -1.03 10.46 15.80
CA THR A 80 -0.67 9.35 16.68
C THR A 80 -0.30 8.13 15.86
N GLY A 81 0.86 7.55 16.15
CA GLY A 81 1.26 6.31 15.49
C GLY A 81 0.47 5.15 16.06
N THR A 82 -0.09 4.34 15.17
CA THR A 82 -0.90 3.19 15.56
C THR A 82 -0.46 1.95 14.79
N GLY A 83 -0.69 0.80 15.41
CA GLY A 83 -0.30 -0.46 14.78
C GLY A 83 1.20 -0.51 14.56
N ILE A 84 1.60 -0.78 13.32
CA ILE A 84 3.02 -0.87 13.01
C ILE A 84 3.72 0.48 13.18
N LEU A 85 2.97 1.59 13.19
CA LEU A 85 3.54 2.90 13.48
C LEU A 85 3.51 3.26 14.95
N SER A 86 3.08 2.34 15.82
CA SER A 86 3.13 2.59 17.26
C SER A 86 4.52 2.37 17.80
N SER A 87 4.89 3.17 18.81
CA SER A 87 6.17 3.01 19.50
C SER A 87 6.06 2.23 20.80
N GLN A 88 4.88 1.70 21.13
CA GLN A 88 4.85 0.83 22.30
C GLN A 88 4.98 -0.62 21.86
N PRO A 89 5.89 -1.34 22.52
CA PRO A 89 6.04 -2.77 22.22
C PRO A 89 4.73 -3.52 22.34
N GLU A 90 3.88 -3.14 23.29
CA GLU A 90 2.61 -3.83 23.50
C GLU A 90 1.75 -3.79 22.25
N GLU A 91 1.72 -2.67 21.54
CA GLU A 91 0.90 -2.55 20.34
C GLU A 91 1.66 -2.97 19.09
N ASN A 92 3.00 -2.85 19.10
CA ASN A 92 3.82 -3.07 17.92
C ASN A 92 4.99 -3.97 18.29
N PRO A 93 4.77 -5.29 18.34
CA PRO A 93 5.87 -6.22 18.68
C PRO A 93 6.99 -6.22 17.66
N TYR A 94 6.71 -5.77 16.44
CA TYR A 94 7.63 -5.88 15.32
C TYR A 94 8.72 -4.81 15.38
N TRP A 95 8.35 -3.54 15.18
CA TRP A 95 9.33 -2.47 14.95
C TRP A 95 9.06 -1.27 15.85
N TRP A 96 8.71 -1.50 17.11
CA TRP A 96 8.31 -0.40 17.99
C TRP A 96 9.40 0.65 18.19
N ASN A 97 10.68 0.26 18.05
CA ASN A 97 11.77 1.20 18.29
C ASN A 97 12.29 1.83 17.01
N ALA A 98 11.60 1.67 15.89
CA ALA A 98 12.11 2.20 14.64
C ALA A 98 11.80 3.69 14.53
N ASN A 99 12.53 4.35 13.63
CA ASN A 99 12.14 5.67 13.20
C ASN A 99 10.86 5.57 12.37
N MET A 100 9.84 6.33 12.74
CA MET A 100 8.51 6.21 12.15
C MET A 100 8.20 7.39 11.24
N VAL A 101 7.74 7.11 10.02
CA VAL A 101 7.33 8.16 9.08
C VAL A 101 5.98 7.78 8.51
N PHE A 102 5.02 8.69 8.60
CA PHE A 102 3.69 8.56 7.99
C PHE A 102 3.61 9.60 6.89
N ILE A 103 3.41 9.15 5.66
CA ILE A 103 3.36 10.05 4.50
C ILE A 103 1.89 10.18 4.08
N PRO A 104 1.24 11.30 4.37
CA PRO A 104 -0.15 11.46 3.95
C PRO A 104 -0.30 11.32 2.44
N TYR A 105 -1.40 10.68 2.05
CA TYR A 105 -1.75 10.47 0.65
C TYR A 105 -2.57 11.68 0.21
N CYS A 106 -1.94 12.60 -0.53
CA CYS A 106 -2.69 13.79 -0.97
C CYS A 106 -2.53 14.01 -2.47
N SER A 107 -2.21 12.96 -3.21
CA SER A 107 -2.03 13.03 -4.65
C SER A 107 -3.05 12.22 -5.46
N SER A 108 -3.88 11.38 -4.83
CA SER A 108 -5.03 10.74 -5.49
C SER A 108 -4.65 9.97 -6.75
N ASP A 109 -3.40 9.46 -6.80
CA ASP A 109 -2.86 8.85 -8.01
C ASP A 109 -2.24 7.49 -7.73
N VAL A 110 -2.63 6.84 -6.63
CA VAL A 110 -2.05 5.56 -6.22
C VAL A 110 -0.53 5.70 -6.12
N TRP A 111 -0.07 6.90 -5.76
CA TRP A 111 1.36 7.19 -5.55
C TRP A 111 2.18 7.04 -6.83
N SER A 112 1.57 7.26 -8.00
CA SER A 112 2.26 7.06 -9.26
C SER A 112 2.53 8.35 -10.03
N GLY A 113 1.97 9.48 -9.61
CA GLY A 113 1.97 10.63 -10.49
C GLY A 113 3.28 11.38 -10.51
N ALA A 114 3.54 12.04 -11.64
CA ALA A 114 4.68 12.92 -11.80
C ALA A 114 4.28 14.14 -12.63
N SER A 115 3.20 14.81 -12.23
CA SER A 115 2.63 15.92 -12.99
C SER A 115 2.35 17.10 -12.06
N SER A 116 2.75 18.30 -12.47
CA SER A 116 2.53 19.51 -11.70
C SER A 116 1.22 20.18 -12.10
N LYS A 117 0.63 20.92 -11.15
CA LYS A 117 -0.47 21.82 -11.47
C LYS A 117 0.05 22.94 -12.34
N SER A 118 -0.69 23.29 -13.39
CA SER A 118 -0.19 24.21 -14.40
C SER A 118 -1.37 24.80 -15.17
N GLU A 119 -1.03 25.56 -16.22
CA GLU A 119 -2.02 26.06 -17.16
C GLU A 119 -2.93 24.96 -17.68
N LYS A 120 -2.37 23.76 -17.88
CA LYS A 120 -3.05 22.64 -18.52
C LYS A 120 -3.63 21.65 -17.53
N ASN A 121 -3.27 21.74 -16.24
CA ASN A 121 -3.63 20.75 -15.22
C ASN A 121 -4.24 21.47 -14.03
N GLU A 122 -5.54 21.24 -13.80
CA GLU A 122 -6.20 21.80 -12.62
C GLU A 122 -5.59 21.26 -11.33
N TYR A 123 -5.17 20.00 -11.34
CA TYR A 123 -4.58 19.36 -10.17
C TYR A 123 -3.16 18.90 -10.47
N ALA A 124 -2.35 18.84 -9.42
CA ALA A 124 -1.06 18.19 -9.48
C ALA A 124 -1.19 16.74 -9.01
N PHE A 125 -0.52 15.84 -9.72
CA PHE A 125 -0.46 14.43 -9.30
C PHE A 125 1.01 14.06 -9.18
N MET A 126 1.53 14.11 -7.96
CA MET A 126 2.97 13.99 -7.74
C MET A 126 3.33 12.87 -6.77
N GLY A 127 2.49 11.86 -6.63
CA GLY A 127 2.75 10.81 -5.63
C GLY A 127 4.12 10.17 -5.73
N ALA A 128 4.58 9.89 -6.95
CA ALA A 128 5.91 9.30 -7.07
C ALA A 128 6.99 10.30 -6.67
N LEU A 129 6.80 11.58 -6.99
CA LEU A 129 7.80 12.57 -6.63
C LEU A 129 7.73 12.92 -5.14
N ILE A 130 6.55 12.81 -4.54
CA ILE A 130 6.42 13.03 -3.10
C ILE A 130 7.28 12.03 -2.32
N ILE A 131 7.18 10.76 -2.67
CA ILE A 131 7.97 9.73 -1.98
C ILE A 131 9.46 10.01 -2.13
N GLN A 132 9.90 10.36 -3.34
CA GLN A 132 11.31 10.64 -3.58
C GLN A 132 11.78 11.85 -2.78
N GLU A 133 10.93 12.87 -2.66
CA GLU A 133 11.35 14.08 -1.95
C GLU A 133 11.37 13.83 -0.44
N VAL A 134 10.44 13.03 0.07
CA VAL A 134 10.47 12.68 1.49
C VAL A 134 11.77 11.95 1.81
N VAL A 135 12.09 10.94 1.00
CA VAL A 135 13.34 10.20 1.20
C VAL A 135 14.53 11.15 1.18
N ARG A 136 14.57 12.04 0.18
CA ARG A 136 15.71 12.95 0.08
C ARG A 136 15.82 13.86 1.29
N GLU A 137 14.70 14.39 1.78
CA GLU A 137 14.78 15.29 2.92
C GLU A 137 15.03 14.55 4.23
N LEU A 138 14.66 13.28 4.31
CA LEU A 138 14.94 12.51 5.52
C LEU A 138 16.42 12.17 5.66
N LEU A 139 17.16 12.08 4.54
CA LEU A 139 18.56 11.69 4.64
C LEU A 139 19.33 12.62 5.55
N GLY A 140 18.98 13.90 5.57
CA GLY A 140 19.59 14.85 6.47
C GLY A 140 19.02 14.86 7.88
N ARG A 141 18.05 14.01 8.18
CA ARG A 141 17.50 13.88 9.52
C ARG A 141 17.79 12.53 10.15
N GLY A 142 18.79 11.81 9.62
CA GLY A 142 19.21 10.53 10.18
C GLY A 142 19.05 9.36 9.25
N LEU A 143 18.24 9.47 8.19
CA LEU A 143 18.13 8.35 7.26
C LEU A 143 19.46 8.02 6.61
N SER A 144 20.40 8.97 6.59
CA SER A 144 21.73 8.68 6.08
C SER A 144 22.41 7.55 6.84
N GLY A 145 22.05 7.35 8.12
CA GLY A 145 22.61 6.29 8.91
C GLY A 145 21.79 5.01 8.95
N ALA A 146 20.81 4.86 8.08
CA ALA A 146 19.92 3.72 8.16
C ALA A 146 20.60 2.44 7.69
N LYS A 147 20.15 1.32 8.25
CA LYS A 147 20.48 -0.01 7.75
C LYS A 147 19.35 -0.65 6.97
N VAL A 148 18.09 -0.40 7.36
CA VAL A 148 16.92 -0.90 6.65
C VAL A 148 15.94 0.25 6.49
N LEU A 149 15.41 0.42 5.29
CA LEU A 149 14.28 1.31 5.05
C LEU A 149 13.14 0.43 4.57
N LEU A 150 12.11 0.27 5.40
CA LEU A 150 10.92 -0.49 5.02
C LEU A 150 9.89 0.50 4.50
N LEU A 151 9.58 0.42 3.22
CA LEU A 151 8.53 1.24 2.61
C LEU A 151 7.24 0.43 2.71
N ALA A 152 6.36 0.85 3.59
CA ALA A 152 5.10 0.16 3.84
C ALA A 152 3.94 1.04 3.39
N GLY A 153 2.74 0.46 3.35
CA GLY A 153 1.58 1.21 2.89
C GLY A 153 0.34 0.34 2.88
N SER A 154 -0.83 0.95 3.02
CA SER A 154 -2.10 0.24 3.06
C SER A 154 -3.03 0.72 1.95
N SER A 155 -3.77 -0.23 1.37
CA SER A 155 -4.73 0.07 0.31
C SER A 155 -4.02 0.65 -0.91
N ALA A 156 -4.44 1.83 -1.36
CA ALA A 156 -3.69 2.49 -2.44
C ALA A 156 -2.23 2.69 -2.06
N GLY A 157 -1.95 2.89 -0.76
CA GLY A 157 -0.57 2.99 -0.34
C GLY A 157 0.18 1.69 -0.45
N GLY A 158 -0.52 0.55 -0.29
CA GLY A 158 0.11 -0.74 -0.51
C GLY A 158 0.45 -0.96 -1.97
N THR A 159 -0.46 -0.59 -2.87
CA THR A 159 -0.11 -0.57 -4.29
C THR A 159 1.03 0.40 -4.55
N GLY A 160 1.02 1.55 -3.86
CA GLY A 160 2.14 2.49 -3.97
C GLY A 160 3.49 1.91 -3.58
N VAL A 161 3.52 1.04 -2.56
CA VAL A 161 4.76 0.31 -2.25
C VAL A 161 5.27 -0.43 -3.47
N LEU A 162 4.39 -1.22 -4.10
CA LEU A 162 4.81 -2.03 -5.24
C LEU A 162 5.31 -1.16 -6.39
N LEU A 163 4.69 0.01 -6.60
CA LEU A 163 5.08 0.87 -7.70
C LEU A 163 6.38 1.60 -7.43
N ASN A 164 6.72 1.84 -6.17
CA ASN A 164 7.81 2.75 -5.83
C ASN A 164 8.99 2.14 -5.08
N VAL A 165 8.90 0.91 -4.58
CA VAL A 165 9.96 0.41 -3.71
C VAL A 165 11.29 0.32 -4.46
N ASP A 166 11.29 -0.18 -5.70
CA ASP A 166 12.55 -0.23 -6.44
C ASP A 166 13.05 1.15 -6.81
N ARG A 167 12.16 2.14 -6.99
CA ARG A 167 12.66 3.48 -7.30
C ARG A 167 13.34 4.11 -6.09
N VAL A 168 12.82 3.85 -4.89
CA VAL A 168 13.50 4.33 -3.67
C VAL A 168 14.86 3.68 -3.55
N ALA A 169 14.96 2.38 -3.86
CA ALA A 169 16.25 1.70 -3.86
C ALA A 169 17.21 2.33 -4.86
N GLU A 170 16.74 2.59 -6.08
CA GLU A 170 17.59 3.21 -7.09
C GLU A 170 17.99 4.63 -6.67
N GLN A 171 17.05 5.35 -6.04
CA GLN A 171 17.33 6.71 -5.61
C GLN A 171 18.45 6.74 -4.58
N LEU A 172 18.38 5.86 -3.57
CA LEU A 172 19.41 5.84 -2.55
C LEU A 172 20.75 5.40 -3.12
N GLU A 173 20.74 4.49 -4.10
CA GLU A 173 21.97 4.06 -4.74
C GLU A 173 22.61 5.20 -5.53
N LYS A 174 21.81 5.97 -6.25
CA LYS A 174 22.35 7.08 -7.01
C LYS A 174 22.76 8.25 -6.13
N LEU A 175 22.20 8.37 -4.92
CA LEU A 175 22.59 9.40 -3.97
C LEU A 175 23.80 9.01 -3.13
N GLY A 176 24.31 7.79 -3.30
CA GLY A 176 25.51 7.36 -2.60
C GLY A 176 25.29 6.56 -1.33
N TYR A 177 24.12 5.94 -1.16
CA TYR A 177 23.81 5.17 0.05
C TYR A 177 23.48 3.74 -0.31
N PRO A 178 24.41 2.98 -0.90
CA PRO A 178 24.10 1.60 -1.29
C PRO A 178 23.98 0.65 -0.11
N ALA A 179 24.33 1.08 1.11
CA ALA A 179 24.27 0.21 2.27
C ALA A 179 22.89 0.13 2.90
N ILE A 180 21.98 1.05 2.56
CA ILE A 180 20.63 1.01 3.10
C ILE A 180 19.87 -0.08 2.35
N GLN A 181 19.37 -1.08 3.08
CA GLN A 181 18.58 -2.13 2.48
C GLN A 181 17.13 -1.66 2.40
N VAL A 182 16.63 -1.50 1.18
CA VAL A 182 15.25 -1.09 0.95
C VAL A 182 14.40 -2.34 0.79
N ARG A 183 13.27 -2.38 1.50
CA ARG A 183 12.30 -3.47 1.43
C ARG A 183 10.91 -2.87 1.36
N GLY A 184 9.94 -3.68 0.95
CA GLY A 184 8.57 -3.22 0.81
C GLY A 184 7.62 -4.06 1.65
N LEU A 185 6.57 -3.42 2.15
CA LEU A 185 5.50 -4.07 2.90
C LEU A 185 4.18 -3.56 2.34
N ALA A 186 3.54 -4.35 1.48
CA ALA A 186 2.34 -3.92 0.75
C ALA A 186 1.12 -4.57 1.41
N ASP A 187 0.31 -3.74 2.07
CA ASP A 187 -0.88 -4.17 2.81
C ASP A 187 -2.13 -3.78 2.02
N SER A 188 -2.93 -4.77 1.67
CA SER A 188 -4.26 -4.54 1.09
C SER A 188 -4.19 -3.75 -0.22
N GLY A 189 -3.11 -3.92 -0.96
CA GLY A 189 -2.96 -3.27 -2.25
C GLY A 189 -2.73 -4.26 -3.38
N TRP A 190 -3.09 -5.53 -3.14
CA TRP A 190 -2.86 -6.63 -4.09
C TRP A 190 -4.21 -6.99 -4.71
N PHE A 191 -4.57 -6.31 -5.80
CA PHE A 191 -5.89 -6.42 -6.40
C PHE A 191 -5.86 -7.27 -7.67
N LEU A 192 -7.03 -7.80 -8.02
CA LEU A 192 -7.20 -8.64 -9.19
C LEU A 192 -8.03 -7.91 -10.22
N ASP A 193 -7.57 -7.94 -11.48
CA ASP A 193 -8.37 -7.45 -12.59
C ASP A 193 -9.28 -8.57 -13.09
N ASN A 194 -10.14 -9.04 -12.19
CA ASN A 194 -11.06 -10.12 -12.47
C ASN A 194 -12.37 -9.57 -13.03
N LYS A 195 -13.23 -10.50 -13.44
CA LYS A 195 -14.57 -10.12 -13.88
C LYS A 195 -15.44 -9.73 -12.70
N GLN A 196 -16.21 -8.67 -12.87
CA GLN A 196 -17.12 -8.22 -11.82
C GLN A 196 -18.27 -9.22 -11.64
N TYR A 197 -18.82 -9.22 -10.44
CA TYR A 197 -19.97 -10.08 -10.17
C TYR A 197 -21.19 -9.61 -10.95
N ARG A 198 -21.43 -8.30 -10.97
CA ARG A 198 -22.32 -7.66 -11.94
C ARG A 198 -21.52 -6.60 -12.68
N HIS A 199 -21.80 -6.44 -13.97
CA HIS A 199 -20.92 -5.72 -14.89
C HIS A 199 -21.57 -4.44 -15.35
N THR A 200 -20.90 -3.33 -15.11
CA THR A 200 -21.20 -2.02 -15.66
C THR A 200 -20.28 -1.77 -16.85
N ASP A 201 -20.69 -0.88 -17.75
CA ASP A 201 -19.78 -0.54 -18.84
C ASP A 201 -18.71 0.39 -18.29
N CYS A 202 -18.79 1.68 -18.60
CA CYS A 202 -17.82 2.64 -18.08
C CYS A 202 -18.25 4.08 -18.37
N VAL A 203 -19.30 4.57 -17.71
CA VAL A 203 -19.69 5.97 -17.85
C VAL A 203 -18.83 6.76 -16.86
N ASP A 204 -19.13 6.67 -15.57
CA ASP A 204 -18.13 7.01 -14.56
C ASP A 204 -17.32 5.76 -14.33
N THR A 207 -19.28 3.08 -12.27
CA THR A 207 -19.39 2.03 -13.28
C THR A 207 -18.02 1.65 -13.89
N CYS A 208 -17.03 2.52 -13.70
CA CYS A 208 -15.71 2.34 -14.31
C CYS A 208 -14.92 1.30 -13.52
N ALA A 209 -14.67 0.14 -14.13
CA ALA A 209 -13.88 -0.89 -13.48
C ALA A 209 -12.44 -0.41 -13.28
N PRO A 210 -11.74 -0.94 -12.28
CA PRO A 210 -10.38 -0.44 -11.99
C PRO A 210 -9.45 -0.44 -13.18
N THR A 211 -9.49 -1.46 -14.04
CA THR A 211 -8.60 -1.45 -15.19
C THR A 211 -8.82 -0.21 -16.06
N GLU A 212 -10.09 0.11 -16.37
CA GLU A 212 -10.35 1.31 -17.16
C GLU A 212 -10.08 2.58 -16.37
N ALA A 213 -10.42 2.59 -15.08
CA ALA A 213 -10.18 3.76 -14.25
C ALA A 213 -8.70 4.08 -14.14
N ILE A 214 -7.88 3.04 -13.91
CA ILE A 214 -6.43 3.20 -13.86
C ILE A 214 -5.88 3.63 -15.21
N ARG A 215 -6.35 3.02 -16.30
CA ARG A 215 -5.85 3.40 -17.61
C ARG A 215 -6.06 4.89 -17.88
N ARG A 216 -7.24 5.42 -17.55
CA ARG A 216 -7.46 6.85 -17.70
C ARG A 216 -6.66 7.65 -16.69
N GLY A 217 -6.57 7.13 -15.46
CA GLY A 217 -5.77 7.79 -14.43
C GLY A 217 -4.34 8.03 -14.84
N ILE A 218 -3.68 6.99 -15.38
CA ILE A 218 -2.26 7.13 -15.75
C ILE A 218 -2.06 8.28 -16.74
N ARG A 219 -2.95 8.41 -17.72
CA ARG A 219 -2.84 9.55 -18.66
C ARG A 219 -3.07 10.87 -17.94
N TYR A 220 -4.05 10.90 -17.03
CA TYR A 220 -4.44 12.13 -16.35
C TYR A 220 -3.40 12.57 -15.35
N TRP A 221 -2.71 11.61 -14.71
CA TRP A 221 -1.71 11.85 -13.69
C TRP A 221 -0.31 11.96 -14.23
N ASN A 222 -0.09 11.58 -15.50
CA ASN A 222 1.24 11.24 -15.98
C ASN A 222 1.88 10.21 -15.06
N GLY A 223 1.14 9.11 -14.86
CA GLY A 223 1.58 8.09 -13.92
C GLY A 223 2.82 7.35 -14.41
N VAL A 224 3.64 6.93 -13.46
CA VAL A 224 4.86 6.18 -13.76
C VAL A 224 4.83 4.87 -13.02
N VAL A 225 5.41 3.84 -13.64
CA VAL A 225 5.39 2.49 -13.10
C VAL A 225 6.83 1.98 -13.09
N PRO A 226 7.13 0.90 -12.36
CA PRO A 226 8.50 0.38 -12.32
C PRO A 226 9.01 0.02 -13.70
N GLU A 227 10.31 0.27 -13.92
CA GLU A 227 10.88 0.24 -15.26
C GLU A 227 10.77 -1.15 -15.90
N ARG A 228 11.06 -2.21 -15.14
CA ARG A 228 11.01 -3.53 -15.75
C ARG A 228 9.59 -3.92 -16.10
N CYS A 229 8.65 -3.53 -15.26
CA CYS A 229 7.25 -3.78 -15.57
C CYS A 229 6.79 -2.95 -16.78
N ARG A 230 7.25 -1.70 -16.88
CA ARG A 230 6.95 -0.86 -18.04
C ARG A 230 7.48 -1.48 -19.31
N ARG A 231 8.68 -2.09 -19.24
CA ARG A 231 9.27 -2.69 -20.43
C ARG A 231 8.54 -3.95 -20.86
N GLN A 232 7.92 -4.67 -19.93
CA GLN A 232 7.13 -5.84 -20.29
C GLN A 232 5.83 -5.42 -20.98
N PHE A 233 5.09 -4.51 -20.35
CA PHE A 233 3.75 -4.24 -20.84
C PHE A 233 3.75 -3.17 -21.92
N GLN A 234 4.73 -2.29 -21.89
CA GLN A 234 5.02 -1.31 -22.93
C GLN A 234 3.94 -0.26 -23.08
N GLU A 235 4.15 0.64 -24.03
CA GLU A 235 3.39 1.86 -24.14
C GLU A 235 1.89 1.57 -24.27
N GLY A 236 1.08 2.24 -23.46
CA GLY A 236 -0.35 2.09 -23.48
C GLY A 236 -0.89 1.02 -22.56
N GLU A 237 -0.03 0.15 -22.02
CA GLU A 237 -0.51 -0.96 -21.20
C GLU A 237 0.05 -0.89 -19.78
N GLU A 238 0.52 0.30 -19.35
CA GLU A 238 1.15 0.42 -18.04
C GLU A 238 0.17 0.15 -16.92
N TRP A 239 -1.14 0.29 -17.17
CA TRP A 239 -2.13 0.03 -16.14
C TRP A 239 -1.93 -1.36 -15.53
N ASN A 240 -1.37 -2.29 -16.31
CA ASN A 240 -1.10 -3.64 -15.81
C ASN A 240 -0.21 -3.63 -14.58
N CYS A 241 0.68 -2.65 -14.46
CA CYS A 241 1.66 -2.63 -13.38
C CYS A 241 1.06 -2.17 -12.06
N PHE A 242 -0.21 -1.75 -12.06
CA PHE A 242 -0.91 -1.43 -10.83
C PHE A 242 -1.52 -2.65 -10.18
N PHE A 243 -1.41 -3.81 -10.81
CA PHE A 243 -1.97 -5.05 -10.29
C PHE A 243 -0.84 -5.90 -9.72
N GLY A 244 -0.91 -6.16 -8.42
CA GLY A 244 0.22 -6.72 -7.69
C GLY A 244 0.82 -7.96 -8.32
N TYR A 245 -0.02 -8.91 -8.74
CA TYR A 245 0.52 -10.17 -9.24
C TYR A 245 1.26 -10.00 -10.57
N LYS A 246 1.04 -8.89 -11.28
CA LYS A 246 1.80 -8.61 -12.50
C LYS A 246 3.06 -7.79 -12.24
N VAL A 247 3.03 -6.86 -11.28
CA VAL A 247 4.19 -6.02 -11.05
C VAL A 247 5.21 -6.69 -10.12
N TYR A 248 4.72 -7.43 -9.12
CA TYR A 248 5.61 -8.08 -8.14
C TYR A 248 6.76 -8.87 -8.75
N PRO A 249 6.55 -9.75 -9.74
CA PRO A 249 7.68 -10.54 -10.27
C PRO A 249 8.72 -9.70 -10.99
N THR A 250 8.43 -8.45 -11.32
CA THR A 250 9.43 -7.57 -11.93
C THR A 250 10.28 -6.85 -10.90
N LEU A 251 9.95 -6.95 -9.61
CA LEU A 251 10.62 -6.17 -8.59
C LEU A 251 11.86 -6.89 -8.07
N ARG A 252 12.85 -6.10 -7.65
CA ARG A 252 14.06 -6.68 -7.08
C ARG A 252 14.11 -6.59 -5.56
N SER A 253 13.56 -5.52 -4.99
CA SER A 253 13.57 -5.34 -3.55
C SER A 253 12.69 -6.40 -2.91
N PRO A 254 13.08 -6.92 -1.73
CA PRO A 254 12.20 -7.86 -1.02
C PRO A 254 10.89 -7.19 -0.62
N VAL A 255 9.77 -7.85 -0.91
CA VAL A 255 8.46 -7.26 -0.65
C VAL A 255 7.59 -8.29 0.09
N PHE A 256 7.11 -7.90 1.27
CA PHE A 256 6.18 -8.71 2.04
C PHE A 256 4.77 -8.28 1.67
N VAL A 257 3.93 -9.23 1.26
CA VAL A 257 2.59 -8.94 0.75
C VAL A 257 1.56 -9.36 1.79
N VAL A 258 0.73 -8.41 2.21
CA VAL A 258 -0.37 -8.68 3.14
C VAL A 258 -1.66 -8.42 2.39
N GLN A 259 -2.53 -9.43 2.32
CA GLN A 259 -3.79 -9.28 1.58
C GLN A 259 -4.85 -10.19 2.18
N TRP A 260 -5.96 -9.60 2.64
CA TRP A 260 -7.12 -10.41 2.97
C TRP A 260 -7.60 -11.14 1.73
N LEU A 261 -7.99 -12.41 1.89
CA LEU A 261 -8.43 -13.18 0.73
C LEU A 261 -9.73 -12.62 0.17
N PHE A 262 -10.55 -12.00 1.01
CA PHE A 262 -11.84 -11.47 0.61
C PHE A 262 -11.85 -9.98 0.91
N ASP A 263 -10.96 -9.24 0.25
CA ASP A 263 -10.77 -7.84 0.55
C ASP A 263 -12.00 -7.02 0.18
N GLU A 264 -12.42 -6.15 1.11
CA GLU A 264 -13.66 -5.40 0.90
C GLU A 264 -13.57 -4.44 -0.27
N ALA A 265 -12.39 -3.85 -0.51
CA ALA A 265 -12.27 -2.94 -1.64
C ALA A 265 -12.30 -3.71 -2.95
N GLN A 266 -11.68 -4.90 -2.96
CA GLN A 266 -11.79 -5.79 -4.12
C GLN A 266 -13.25 -6.14 -4.39
N LEU A 267 -13.98 -6.56 -3.35
CA LEU A 267 -15.38 -6.90 -3.54
C LEU A 267 -16.18 -5.69 -4.00
N THR A 268 -15.84 -4.50 -3.50
CA THR A 268 -16.56 -3.30 -3.94
C THR A 268 -16.39 -3.05 -5.43
N VAL A 269 -15.15 -3.07 -5.94
CA VAL A 269 -14.92 -2.85 -7.36
C VAL A 269 -15.46 -4.02 -8.17
N ASP A 270 -15.72 -5.16 -7.55
CA ASP A 270 -16.39 -6.28 -8.19
C ASP A 270 -17.90 -6.18 -8.15
N ASN A 271 -18.44 -5.06 -7.65
CA ASN A 271 -19.89 -4.84 -7.55
C ASN A 271 -20.55 -5.93 -6.72
N VAL A 272 -19.84 -6.40 -5.71
CA VAL A 272 -20.38 -7.28 -4.68
C VAL A 272 -20.67 -6.41 -3.48
N HIS A 273 -21.95 -6.30 -3.12
CA HIS A 273 -22.36 -5.53 -1.96
C HIS A 273 -23.03 -6.52 -1.02
N LEU A 274 -22.28 -7.01 -0.04
CA LEU A 274 -22.81 -7.97 0.91
C LEU A 274 -23.77 -7.28 1.87
N THR A 275 -24.98 -7.81 1.95
CA THR A 275 -26.13 -7.10 2.49
C THR A 275 -26.60 -7.66 3.83
N GLY A 276 -25.98 -8.74 4.31
CA GLY A 276 -26.57 -9.55 5.34
C GLY A 276 -27.64 -10.50 4.84
N GLN A 277 -28.24 -10.24 3.67
CA GLN A 277 -29.17 -11.17 3.07
C GLN A 277 -28.47 -12.50 2.77
N PRO A 278 -29.23 -13.57 2.59
CA PRO A 278 -28.62 -14.86 2.29
C PRO A 278 -27.88 -14.86 0.95
N VAL A 279 -26.76 -15.58 0.90
CA VAL A 279 -25.91 -15.62 -0.28
C VAL A 279 -26.35 -16.79 -1.16
N GLN A 280 -26.76 -16.47 -2.39
CA GLN A 280 -27.19 -17.47 -3.34
C GLN A 280 -25.98 -18.19 -3.94
N GLU A 281 -26.26 -19.27 -4.68
CA GLU A 281 -25.20 -20.11 -5.22
C GLU A 281 -24.24 -19.32 -6.11
N GLY A 282 -24.79 -18.46 -6.99
CA GLY A 282 -23.93 -17.73 -7.91
C GLY A 282 -22.92 -16.86 -7.18
N LEU A 283 -23.38 -16.15 -6.15
CA LEU A 283 -22.49 -15.28 -5.39
C LEU A 283 -21.56 -16.10 -4.52
N ARG A 284 -22.04 -17.22 -3.98
CA ARG A 284 -21.16 -18.08 -3.19
C ARG A 284 -19.98 -18.55 -4.01
N LEU A 285 -20.26 -19.09 -5.21
CA LEU A 285 -19.20 -19.53 -6.10
C LEU A 285 -18.29 -18.37 -6.51
N TYR A 286 -18.86 -17.18 -6.72
CA TYR A 286 -18.03 -16.02 -7.04
C TYR A 286 -17.06 -15.70 -5.90
N ILE A 287 -17.56 -15.63 -4.67
CA ILE A 287 -16.71 -15.29 -3.53
C ILE A 287 -15.66 -16.36 -3.30
N GLN A 288 -16.05 -17.64 -3.43
CA GLN A 288 -15.07 -18.71 -3.23
C GLN A 288 -14.01 -18.68 -4.32
N ASN A 289 -14.40 -18.39 -5.55
N ASN A 289 -14.40 -18.40 -5.56
CA ASN A 289 -13.44 -18.30 -6.65
CA ASN A 289 -13.43 -18.32 -6.64
C ASN A 289 -12.49 -17.13 -6.46
C ASN A 289 -12.50 -17.13 -6.48
N LEU A 290 -12.98 -16.02 -5.92
CA LEU A 290 -12.10 -14.88 -5.64
C LEU A 290 -11.04 -15.27 -4.62
N GLY A 291 -11.43 -15.89 -3.51
CA GLY A 291 -10.45 -16.35 -2.55
C GLY A 291 -9.45 -17.31 -3.16
N ARG A 292 -9.93 -18.24 -3.99
CA ARG A 292 -9.04 -19.20 -4.63
C ARG A 292 -8.08 -18.51 -5.58
N GLU A 293 -8.56 -17.52 -6.36
CA GLU A 293 -7.66 -16.85 -7.28
C GLU A 293 -6.63 -16.03 -6.52
N LEU A 294 -7.04 -15.35 -5.45
CA LEU A 294 -6.07 -14.59 -4.66
C LEU A 294 -5.00 -15.52 -4.12
N ARG A 295 -5.44 -16.62 -3.51
N ARG A 295 -5.45 -16.62 -3.53
CA ARG A 295 -4.48 -17.61 -3.01
CA ARG A 295 -4.51 -17.62 -3.01
C ARG A 295 -3.53 -18.05 -4.10
C ARG A 295 -3.55 -18.08 -4.09
N HIS A 296 -4.05 -18.29 -5.31
CA HIS A 296 -3.19 -18.76 -6.40
C HIS A 296 -2.12 -17.72 -6.75
N THR A 297 -2.49 -16.44 -6.80
CA THR A 297 -1.50 -15.42 -7.14
C THR A 297 -0.42 -15.29 -6.07
N LEU A 298 -0.65 -15.79 -4.86
CA LEU A 298 0.34 -15.69 -3.80
C LEU A 298 1.19 -16.95 -3.65
N LYS A 299 0.98 -17.98 -4.50
CA LYS A 299 1.66 -19.25 -4.32
C LYS A 299 3.19 -19.09 -4.38
N ASP A 300 3.68 -18.23 -5.26
CA ASP A 300 5.12 -18.01 -5.42
C ASP A 300 5.55 -16.66 -4.82
N VAL A 301 4.83 -16.20 -3.81
CA VAL A 301 5.23 -15.02 -3.05
C VAL A 301 5.75 -15.53 -1.71
N PRO A 302 7.06 -15.62 -1.51
CA PRO A 302 7.55 -16.31 -0.30
C PRO A 302 7.22 -15.58 1.00
N ALA A 303 7.12 -14.26 1.01
CA ALA A 303 6.79 -13.51 2.23
C ALA A 303 5.39 -12.93 2.05
N SER A 304 4.40 -13.57 2.67
N SER A 304 4.40 -13.58 2.66
CA SER A 304 3.03 -13.11 2.50
CA SER A 304 3.01 -13.16 2.46
C SER A 304 2.19 -13.54 3.69
C SER A 304 2.15 -13.58 3.64
N PHE A 305 1.10 -12.80 3.89
CA PHE A 305 0.19 -13.03 5.00
C PHE A 305 -1.20 -12.77 4.44
N ALA A 306 -2.00 -13.81 4.30
CA ALA A 306 -3.26 -13.72 3.56
C ALA A 306 -4.35 -14.50 4.28
N PRO A 307 -4.97 -13.89 5.29
CA PRO A 307 -6.06 -14.56 6.02
C PRO A 307 -7.38 -14.54 5.27
N ALA A 308 -8.16 -15.60 5.51
CA ALA A 308 -9.48 -15.77 4.90
C ALA A 308 -10.52 -14.95 5.67
N CYS A 309 -10.45 -13.63 5.47
CA CYS A 309 -11.35 -12.70 6.14
C CYS A 309 -11.91 -11.71 5.13
N LEU A 310 -13.11 -11.23 5.44
CA LEU A 310 -13.74 -10.10 4.77
C LEU A 310 -13.37 -8.85 5.57
N SER A 311 -12.44 -8.07 5.06
CA SER A 311 -11.91 -6.91 5.78
C SER A 311 -11.10 -6.07 4.78
N HIS A 312 -10.44 -5.02 5.28
CA HIS A 312 -9.65 -4.13 4.43
C HIS A 312 -8.65 -3.38 5.29
N GLU A 313 -7.36 -3.46 4.92
CA GLU A 313 -6.20 -2.92 5.65
C GLU A 313 -5.95 -3.66 6.96
N ILE A 314 -4.68 -3.68 7.40
CA ILE A 314 -4.29 -4.35 8.65
C ILE A 314 -3.26 -3.54 9.43
N ILE A 315 -2.24 -3.04 8.74
CA ILE A 315 -1.01 -2.80 9.50
C ILE A 315 -1.04 -1.53 10.36
N ILE A 316 -1.89 -0.52 10.11
CA ILE A 316 -1.91 0.59 11.07
C ILE A 316 -3.09 0.49 12.03
N ARG A 317 -3.79 -0.64 12.05
CA ARG A 317 -4.85 -0.85 13.02
C ARG A 317 -4.26 -1.21 14.37
N SER A 318 -4.84 -0.64 15.43
N SER A 318 -4.84 -0.65 15.44
CA SER A 318 -4.28 -0.83 16.77
CA SER A 318 -4.26 -0.83 16.76
C SER A 318 -4.29 -2.29 17.18
C SER A 318 -4.29 -2.28 17.20
N HIS A 319 -5.27 -3.07 16.75
CA HIS A 319 -5.36 -4.48 17.07
C HIS A 319 -4.83 -5.37 15.95
N TRP A 320 -3.87 -4.86 15.18
CA TRP A 320 -3.30 -5.62 14.07
C TRP A 320 -2.58 -6.89 14.54
N THR A 321 -2.28 -7.00 15.83
CA THR A 321 -1.62 -8.17 16.40
C THR A 321 -2.54 -9.37 16.58
N ASP A 322 -3.86 -9.17 16.44
CA ASP A 322 -4.83 -10.20 16.84
C ASP A 322 -4.97 -11.31 15.81
N VAL A 323 -4.82 -10.99 14.53
CA VAL A 323 -5.10 -11.94 13.45
C VAL A 323 -3.93 -12.91 13.32
N GLN A 324 -4.24 -14.19 13.07
CA GLN A 324 -3.24 -15.22 12.95
C GLN A 324 -3.57 -16.09 11.75
N VAL A 325 -2.54 -16.53 11.01
CA VAL A 325 -2.68 -17.58 10.01
C VAL A 325 -1.85 -18.78 10.46
N LYS A 326 -2.48 -19.95 10.56
CA LYS A 326 -1.82 -21.16 11.02
C LYS A 326 -1.12 -20.93 12.36
N GLY A 327 -1.74 -20.10 13.20
CA GLY A 327 -1.24 -19.81 14.52
C GLY A 327 -0.14 -18.77 14.60
N THR A 328 0.20 -18.10 13.51
CA THR A 328 1.26 -17.10 13.48
C THR A 328 0.66 -15.74 13.18
N SER A 329 0.98 -14.76 14.04
CA SER A 329 0.48 -13.40 13.85
C SER A 329 1.28 -12.68 12.77
N LEU A 330 0.75 -11.55 12.30
CA LEU A 330 1.48 -10.74 11.32
C LEU A 330 2.75 -10.14 11.92
N PRO A 331 2.75 -9.53 13.12
CA PRO A 331 4.03 -9.07 13.69
C PRO A 331 5.07 -10.18 13.79
N ARG A 332 4.66 -11.40 14.13
CA ARG A 332 5.65 -12.48 14.17
C ARG A 332 6.15 -12.80 12.77
N ALA A 333 5.24 -12.91 11.80
CA ALA A 333 5.65 -13.23 10.43
C ALA A 333 6.64 -12.19 9.91
N LEU A 334 6.39 -10.91 10.21
CA LEU A 334 7.31 -9.86 9.78
C LEU A 334 8.65 -10.01 10.48
N HIS A 335 8.64 -10.35 11.77
CA HIS A 335 9.89 -10.62 12.47
C HIS A 335 10.65 -11.77 11.83
N CYS A 336 9.94 -12.86 11.48
CA CYS A 336 10.57 -13.98 10.80
C CYS A 336 11.15 -13.55 9.46
N TRP A 337 10.42 -12.70 8.73
CA TRP A 337 10.93 -12.11 7.50
C TRP A 337 12.24 -11.38 7.76
N ASP A 338 12.28 -10.55 8.81
CA ASP A 338 13.52 -9.88 9.19
C ASP A 338 14.66 -10.89 9.35
N ARG A 339 14.39 -11.98 10.07
CA ARG A 339 15.43 -12.99 10.29
C ARG A 339 15.85 -13.65 8.99
N SER A 340 14.90 -13.91 8.09
CA SER A 340 15.22 -14.57 6.83
C SER A 340 16.11 -13.70 5.95
N LEU A 341 16.07 -12.39 6.15
CA LEU A 341 16.89 -11.45 5.37
C LEU A 341 18.21 -11.14 6.05
N HIS A 342 18.53 -11.84 7.14
CA HIS A 342 19.86 -11.72 7.73
C HIS A 342 20.91 -12.23 6.75
N ASP A 343 22.06 -11.56 6.73
CA ASP A 343 23.18 -11.97 5.89
C ASP A 343 23.85 -13.22 6.47
N THR A 350 17.29 -20.59 3.50
CA THR A 350 16.85 -21.75 4.27
C THR A 350 15.83 -21.34 5.34
N PRO A 351 14.71 -22.06 5.42
CA PRO A 351 13.61 -21.63 6.29
C PRO A 351 13.95 -21.78 7.76
N LEU A 352 13.28 -20.97 8.56
CA LEU A 352 13.50 -20.88 9.99
C LEU A 352 12.52 -21.77 10.72
N LYS A 353 13.04 -22.55 11.66
CA LYS A 353 12.22 -23.47 12.45
C LYS A 353 11.15 -22.71 13.23
N GLY A 354 9.88 -22.98 12.94
CA GLY A 354 8.81 -22.35 13.71
C GLY A 354 8.68 -20.85 13.52
N CYS A 355 9.33 -20.28 12.51
CA CYS A 355 9.27 -18.85 12.23
C CYS A 355 8.93 -18.68 10.77
N PRO A 356 7.67 -18.90 10.39
CA PRO A 356 7.31 -18.91 8.97
C PRO A 356 7.12 -17.50 8.44
N VAL A 357 7.32 -17.37 7.13
CA VAL A 357 7.07 -16.11 6.43
C VAL A 357 5.98 -16.23 5.38
N HIS A 358 5.62 -17.44 4.93
CA HIS A 358 4.58 -17.64 3.93
C HIS A 358 3.35 -18.21 4.63
N LEU A 359 2.32 -17.37 4.79
CA LEU A 359 1.15 -17.69 5.62
C LEU A 359 -0.10 -17.34 4.83
N VAL A 360 -0.61 -18.31 4.07
CA VAL A 360 -1.79 -18.08 3.24
C VAL A 360 -2.87 -19.07 3.70
N ASP A 361 -4.03 -18.54 4.09
CA ASP A 361 -5.13 -19.41 4.50
C ASP A 361 -5.59 -20.26 3.33
N SER A 362 -6.02 -21.49 3.61
CA SER A 362 -6.57 -22.35 2.59
C SER A 362 -8.08 -22.54 2.72
N CYS A 363 -8.68 -22.10 3.81
CA CYS A 363 -10.11 -22.34 3.93
C CYS A 363 -10.89 -21.35 3.06
N PRO A 364 -12.08 -21.74 2.57
CA PRO A 364 -12.65 -21.08 1.38
C PRO A 364 -13.76 -20.05 1.62
N TRP A 365 -13.97 -19.59 2.85
CA TRP A 365 -15.08 -18.63 3.09
C TRP A 365 -14.71 -17.58 4.12
N PRO A 366 -15.14 -16.31 3.95
CA PRO A 366 -14.83 -15.28 4.94
C PRO A 366 -15.12 -15.74 6.37
N HIS A 367 -14.15 -15.54 7.24
CA HIS A 367 -14.21 -15.82 8.67
C HIS A 367 -14.15 -17.31 8.98
N CYS A 368 -13.73 -18.13 8.00
CA CYS A 368 -13.38 -19.51 8.34
C CYS A 368 -12.14 -19.57 9.21
N ASN A 369 -11.38 -18.47 9.24
CA ASN A 369 -10.31 -18.27 10.21
C ASN A 369 -10.91 -17.61 11.45
N PRO A 370 -10.86 -18.24 12.62
CA PRO A 370 -11.53 -17.67 13.79
C PRO A 370 -10.92 -16.37 14.29
N SER A 371 -9.69 -16.01 13.87
CA SER A 371 -9.04 -14.82 14.35
C SER A 371 -9.36 -13.60 13.49
N CYS A 372 -10.26 -13.73 12.51
CA CYS A 372 -10.60 -12.61 11.64
C CYS A 372 -11.10 -11.43 12.45
N PRO A 373 -10.89 -10.20 11.98
CA PRO A 373 -11.45 -9.04 12.66
C PRO A 373 -12.96 -9.16 12.76
N THR A 374 -13.49 -8.72 13.90
CA THR A 374 -14.93 -8.83 14.14
C THR A 374 -15.72 -7.73 13.44
N GLY A 375 -15.07 -6.63 13.05
CA GLY A 375 -15.78 -5.49 12.52
C GLY A 375 -16.48 -4.66 13.57
N THR A 376 -16.15 -4.87 14.85
CA THR A 376 -16.80 -4.18 15.95
C THR A 376 -16.29 -2.76 16.08
C1 NAG B . 12.25 20.00 -6.22
C2 NAG B . 13.73 20.05 -6.65
C3 NAG B . 13.84 19.95 -8.17
C4 NAG B . 13.08 18.74 -8.69
C5 NAG B . 11.64 18.79 -8.20
C6 NAG B . 10.83 17.57 -8.60
C7 NAG B . 15.34 21.29 -5.27
C8 NAG B . 15.86 22.64 -4.90
N2 NAG B . 14.36 21.27 -6.17
O3 NAG B . 15.22 19.83 -8.51
O4 NAG B . 13.08 18.75 -10.12
O5 NAG B . 11.63 18.84 -6.77
O6 NAG B . 11.46 16.38 -8.16
O7 NAG B . 15.80 20.26 -4.79
S SO4 C . 11.93 -16.18 17.48
O1 SO4 C . 10.80 -15.25 17.66
O2 SO4 C . 12.67 -15.75 16.29
O3 SO4 C . 11.43 -17.53 17.21
O4 SO4 C . 12.78 -16.28 18.67
S SO4 D . -8.24 19.24 -15.88
O1 SO4 D . -9.23 20.32 -16.05
O2 SO4 D . -8.46 18.22 -16.89
O3 SO4 D . -6.90 19.80 -16.02
O4 SO4 D . -8.39 18.66 -14.55
S SO4 E . 12.46 20.77 13.09
O1 SO4 E . 11.11 21.31 13.06
O2 SO4 E . 13.05 20.85 11.76
O3 SO4 E . 12.43 19.38 13.53
O4 SO4 E . 13.27 21.56 14.04
S DMS F . 12.09 -3.51 17.56
O DMS F . 12.02 -2.13 16.97
C1 DMS F . 13.12 -4.55 16.47
C2 DMS F . 13.20 -3.43 18.99
C1 EDO G . -1.02 7.73 11.49
O1 EDO G . -1.71 8.46 12.51
C2 EDO G . -0.64 6.36 12.03
O2 EDO G . -1.79 5.75 12.60
C1 EDO H . 4.15 -14.19 -8.17
O1 EDO H . 5.16 -13.60 -8.99
C2 EDO H . 2.87 -13.36 -8.26
O2 EDO H . 2.35 -13.40 -9.60
C1 EDO I . 17.09 -0.97 16.56
O1 EDO I . 15.82 -0.57 16.03
C2 EDO I . 18.03 -1.43 15.44
O2 EDO I . 18.83 -0.34 14.95
C1 EDO J . 0.68 22.76 8.71
O1 EDO J . 0.16 23.90 9.40
C2 EDO J . -0.26 22.39 7.56
O2 EDO J . -0.30 23.45 6.61
C1 EDO K . -2.86 21.93 13.77
O1 EDO K . -2.87 21.11 14.94
C2 EDO K . -2.91 23.40 14.14
O2 EDO K . -2.05 23.64 15.25
C1 EDO L . 10.80 -9.27 -4.88
O1 EDO L . 9.69 -8.46 -5.26
C2 EDO L . 10.23 -10.35 -4.02
O2 EDO L . 10.23 -9.99 -2.63
C02 RGU M . -7.79 0.89 -4.46
C03 RGU M . -9.18 0.77 -3.82
C04 RGU M . -9.70 -0.59 -4.61
C05 RGU M . -9.16 -0.31 -5.99
C06 RGU M . -8.73 -1.48 -6.86
C07 RGU M . -7.36 -1.09 -7.36
C08 RGU M . -6.56 -1.63 -8.39
C09 RGU M . -5.30 -1.10 -8.64
C10 RGU M . -4.82 -0.03 -7.88
C11 RGU M . -5.59 0.52 -6.86
C12 RGU M . -6.88 -0.01 -6.61
N13 RGU M . -7.99 0.18 -5.71
O01 RGU M . -6.79 1.39 -4.10
S SO4 N . -0.42 -23.42 1.86
O1 SO4 N . -1.02 -22.09 1.76
O2 SO4 N . -1.41 -24.37 2.39
O3 SO4 N . 0.02 -23.85 0.54
O4 SO4 N . 0.72 -23.37 2.76
#